data_8G35
#
_entry.id   8G35
#
_cell.length_a   44.294
_cell.length_b   51.345
_cell.length_c   78.686
_cell.angle_alpha   90.00
_cell.angle_beta   92.62
_cell.angle_gamma   90.00
#
_symmetry.space_group_name_H-M   'P 1 21 1'
#
loop_
_entity.id
_entity.type
_entity.pdbx_description
1 polymer 'Cytochrome P450'
2 non-polymer 'PROTOPORPHYRIN IX CONTAINING FE'
3 non-polymer '4-[(2S)-2-hydroxy-3-oxobutan-2-yl]benzoic acid'
4 non-polymer 'CHLORIDE ION'
5 water water
#
_entity_poly.entity_id   1
_entity_poly.type   'polypeptide(L)'
_entity_poly.pdbx_seq_one_letter_code
;MISNSSAESISAPPNDSTIPHLAIDPFSLDFFDDPYPDQQTLRDAGPVVYLDKWNVYGVARYAEVHAVLNDPTTFCSSRG
VGLSDFKKEKPWRPPSLILEADPPAHTRPRAVLSKVLSPATMKTIRDGFAAAADAKVDELLQRGCIDAIADLAEAYPLSV
FPDAMGLKQEGREHLLPYAGLVLNAFGPPNELRQTAIERSAPHQAYVNEQCQRPNLAPGGFGACIHAFTDTGEITPDEAP
LLVRSLLSAGLDTTVNGIGAAVYCLARFPGELQRLRSDPTLARNAFEEAVRFESPVQTFFRTTTREVELGGAVIGEGEKV
LMFLGSANRDPRRWSDPDLYDITRKTSGHVGFGSGVHMCVGQLVARLEGEVMLSALARKVAAIDIDGPVKRRFNNTLRGL
ESLPVKLTPA
;
_entity_poly.pdbx_strand_id   A
#
# COMPACT_ATOMS: atom_id res chain seq x y z
N THR A 18 -3.42 -25.44 21.93
CA THR A 18 -4.45 -24.40 21.98
C THR A 18 -4.51 -23.63 20.65
N ILE A 19 -3.34 -23.31 20.11
CA ILE A 19 -3.22 -22.57 18.87
C ILE A 19 -3.07 -23.58 17.73
N PRO A 20 -3.90 -23.52 16.70
CA PRO A 20 -3.74 -24.44 15.58
C PRO A 20 -2.48 -24.09 14.80
N HIS A 21 -1.84 -25.13 14.28
CA HIS A 21 -0.64 -25.00 13.45
C HIS A 21 -1.01 -25.33 12.02
N LEU A 22 -0.61 -24.47 11.10
CA LEU A 22 -0.98 -24.67 9.70
C LEU A 22 0.27 -24.62 8.84
N ALA A 23 0.23 -25.38 7.75
CA ALA A 23 1.37 -25.45 6.84
C ALA A 23 1.24 -24.49 5.67
N ILE A 24 0.18 -23.68 5.63
CA ILE A 24 0.01 -22.70 4.56
C ILE A 24 1.20 -21.75 4.54
N ASP A 25 1.79 -21.57 3.35
CA ASP A 25 2.81 -20.56 3.11
C ASP A 25 2.17 -19.32 2.50
N PRO A 26 1.88 -18.29 3.29
CA PRO A 26 1.28 -17.07 2.72
C PRO A 26 2.24 -16.23 1.89
N PHE A 27 3.47 -16.71 1.66
CA PHE A 27 4.42 -16.05 0.78
C PHE A 27 4.80 -16.94 -0.38
N SER A 28 3.95 -17.90 -0.73
CA SER A 28 4.19 -18.78 -1.86
C SER A 28 3.41 -18.27 -3.07
N LEU A 29 3.91 -18.63 -4.26
CA LEU A 29 3.28 -18.17 -5.49
C LEU A 29 1.85 -18.68 -5.59
N ASP A 30 1.63 -19.93 -5.16
CA ASP A 30 0.29 -20.50 -5.14
C ASP A 30 -0.65 -19.64 -4.29
N PHE A 31 -0.16 -19.18 -3.14
CA PHE A 31 -0.97 -18.31 -2.29
C PHE A 31 -1.24 -16.99 -2.99
N PHE A 32 -0.20 -16.34 -3.52
CA PHE A 32 -0.41 -15.05 -4.20
C PHE A 32 -1.40 -15.19 -5.36
N ASP A 33 -1.40 -16.35 -6.01
CA ASP A 33 -2.23 -16.52 -7.20
C ASP A 33 -3.70 -16.48 -6.85
N ASP A 34 -4.09 -17.05 -5.72
CA ASP A 34 -5.47 -17.01 -5.26
C ASP A 34 -5.47 -17.18 -3.76
N PRO A 35 -5.39 -16.08 -3.00
CA PRO A 35 -5.24 -16.19 -1.55
C PRO A 35 -6.55 -16.39 -0.82
N TYR A 36 -7.68 -16.16 -1.46
CA TYR A 36 -8.94 -16.08 -0.73
C TYR A 36 -9.30 -17.39 -0.04
N PRO A 37 -9.22 -18.55 -0.69
CA PRO A 37 -9.52 -19.80 0.05
C PRO A 37 -8.61 -20.00 1.25
N ASP A 38 -7.29 -19.86 1.06
CA ASP A 38 -6.38 -20.03 2.19
C ASP A 38 -6.64 -19.01 3.29
N GLN A 39 -7.12 -17.80 2.94
CA GLN A 39 -7.46 -16.81 3.96
C GLN A 39 -8.71 -17.21 4.75
N GLN A 40 -9.70 -17.86 4.12
CA GLN A 40 -10.81 -18.32 4.93
C GLN A 40 -10.37 -19.45 5.86
N THR A 41 -9.52 -20.36 5.36
CA THR A 41 -8.94 -21.41 6.21
C THR A 41 -8.22 -20.81 7.41
N LEU A 42 -7.46 -19.71 7.19
CA LEU A 42 -6.74 -19.06 8.28
C LEU A 42 -7.68 -18.40 9.27
N ARG A 43 -8.73 -17.74 8.76
CA ARG A 43 -9.72 -17.12 9.65
C ARG A 43 -10.45 -18.17 10.46
N ASP A 44 -10.88 -19.25 9.80
CA ASP A 44 -11.73 -20.22 10.46
C ASP A 44 -10.96 -21.18 11.36
N ALA A 45 -9.63 -21.28 11.21
CA ALA A 45 -8.87 -22.13 12.11
C ALA A 45 -8.89 -21.61 13.54
N GLY A 46 -9.01 -20.30 13.71
CA GLY A 46 -8.98 -19.69 15.03
C GLY A 46 -8.60 -18.22 14.94
N PRO A 47 -8.77 -17.47 16.03
CA PRO A 47 -8.33 -16.08 16.04
C PRO A 47 -6.81 -15.91 15.97
N VAL A 48 -6.03 -16.93 16.35
CA VAL A 48 -4.58 -16.87 16.32
C VAL A 48 -4.08 -18.22 15.84
N VAL A 49 -3.35 -18.24 14.74
CA VAL A 49 -2.78 -19.47 14.21
C VAL A 49 -1.25 -19.40 14.36
N TYR A 50 -0.62 -20.57 14.23
CA TYR A 50 0.83 -20.62 14.12
C TYR A 50 1.17 -21.16 12.74
N LEU A 51 2.04 -20.47 12.04
CA LEU A 51 2.45 -20.83 10.68
C LEU A 51 3.81 -21.52 10.76
N ASP A 52 3.79 -22.85 10.71
CA ASP A 52 5.00 -23.65 10.86
C ASP A 52 6.02 -23.35 9.77
N LYS A 53 5.56 -22.88 8.59
CA LYS A 53 6.50 -22.69 7.49
C LYS A 53 7.57 -21.65 7.83
N TRP A 54 7.19 -20.63 8.59
CA TRP A 54 8.12 -19.54 8.89
C TRP A 54 8.24 -19.27 10.38
N ASN A 55 7.63 -20.10 11.23
CA ASN A 55 7.70 -19.95 12.69
C ASN A 55 7.25 -18.56 13.12
N VAL A 56 6.02 -18.21 12.73
CA VAL A 56 5.41 -16.94 13.11
C VAL A 56 3.97 -17.20 13.49
N TYR A 57 3.42 -16.30 14.31
CA TYR A 57 1.99 -16.31 14.57
C TYR A 57 1.28 -15.59 13.44
N GLY A 58 0.02 -15.96 13.21
CA GLY A 58 -0.81 -15.29 12.23
C GLY A 58 -2.15 -14.89 12.79
N VAL A 59 -2.66 -13.76 12.30
CA VAL A 59 -4.01 -13.32 12.63
C VAL A 59 -4.67 -12.86 11.34
N ALA A 60 -5.82 -13.45 10.99
CA ALA A 60 -6.48 -13.14 9.73
C ALA A 60 -7.92 -12.62 9.86
N ARG A 61 -8.47 -12.59 11.08
CA ARG A 61 -9.79 -11.99 11.27
C ARG A 61 -9.65 -10.49 11.53
N TYR A 62 -10.70 -9.76 11.15
CA TYR A 62 -10.71 -8.31 11.37
C TYR A 62 -10.41 -7.98 12.82
N ALA A 63 -11.06 -8.67 13.76
CA ALA A 63 -10.99 -8.25 15.16
C ALA A 63 -9.56 -8.29 15.68
N GLU A 64 -8.84 -9.38 15.44
CA GLU A 64 -7.47 -9.49 15.96
C GLU A 64 -6.51 -8.61 15.18
N VAL A 65 -6.67 -8.52 13.86
CA VAL A 65 -5.83 -7.61 13.07
C VAL A 65 -5.96 -6.20 13.61
N HIS A 66 -7.19 -5.73 13.76
CA HIS A 66 -7.44 -4.40 14.29
C HIS A 66 -6.85 -4.25 15.70
N ALA A 67 -7.03 -5.27 16.54
CA ALA A 67 -6.49 -5.18 17.90
C ALA A 67 -4.97 -5.03 17.87
N VAL A 68 -4.28 -5.86 17.08
CA VAL A 68 -2.82 -5.82 17.04
C VAL A 68 -2.34 -4.46 16.54
N LEU A 69 -2.98 -3.95 15.48
CA LEU A 69 -2.55 -2.66 14.92
C LEU A 69 -2.69 -1.53 15.93
N ASN A 70 -3.66 -1.64 16.86
CA ASN A 70 -3.99 -0.55 17.77
C ASN A 70 -3.37 -0.73 19.16
N ASP A 71 -2.45 -1.70 19.32
CA ASP A 71 -1.65 -1.84 20.53
C ASP A 71 -0.19 -1.82 20.10
N PRO A 72 0.37 -0.63 19.85
CA PRO A 72 1.78 -0.56 19.39
C PRO A 72 2.79 -0.82 20.49
N THR A 73 2.40 -0.69 21.76
CA THR A 73 3.31 -1.03 22.85
C THR A 73 3.60 -2.52 22.90
N THR A 74 2.55 -3.34 22.76
CA THR A 74 2.73 -4.78 22.84
C THR A 74 3.23 -5.34 21.52
N PHE A 75 2.67 -4.88 20.41
CA PHE A 75 3.04 -5.34 19.08
C PHE A 75 3.79 -4.21 18.39
N CYS A 76 5.11 -4.20 18.56
CA CYS A 76 5.87 -3.05 18.14
C CYS A 76 6.34 -3.19 16.69
N SER A 77 6.71 -2.04 16.11
CA SER A 77 7.28 -2.01 14.77
C SER A 77 8.77 -1.76 14.71
N SER A 78 9.39 -1.37 15.83
CA SER A 78 10.82 -1.06 15.78
C SER A 78 11.69 -2.30 15.65
N ARG A 79 11.14 -3.51 15.79
CA ARG A 79 11.91 -4.71 15.48
C ARG A 79 11.66 -5.20 14.05
N GLY A 80 11.15 -4.32 13.20
CA GLY A 80 10.84 -4.57 11.80
C GLY A 80 9.40 -4.98 11.64
N VAL A 81 8.82 -4.60 10.51
CA VAL A 81 7.50 -5.08 10.12
C VAL A 81 7.58 -6.13 9.02
N GLY A 82 8.80 -6.57 8.70
CA GLY A 82 9.01 -7.76 7.91
C GLY A 82 9.15 -8.98 8.81
N LEU A 83 9.39 -10.13 8.17
CA LEU A 83 9.64 -11.33 8.94
C LEU A 83 10.90 -11.15 9.81
N SER A 84 11.92 -10.51 9.28
CA SER A 84 13.17 -10.32 10.01
C SER A 84 13.00 -9.54 11.30
N ASP A 85 13.61 -10.03 12.38
CA ASP A 85 13.61 -9.37 13.68
C ASP A 85 14.91 -8.55 13.78
N PHE A 86 14.78 -7.21 13.77
CA PHE A 86 15.96 -6.34 13.82
C PHE A 86 16.81 -6.58 15.06
N LYS A 87 16.22 -7.14 16.12
CA LYS A 87 17.02 -7.54 17.28
C LYS A 87 17.94 -8.72 16.97
N LYS A 88 17.65 -9.48 15.91
CA LYS A 88 18.39 -10.70 15.58
C LYS A 88 19.21 -10.60 14.31
N GLU A 89 18.77 -9.83 13.31
CA GLU A 89 19.46 -9.73 12.03
C GLU A 89 19.66 -8.27 11.69
N LYS A 90 20.67 -8.00 10.89
CA LYS A 90 20.89 -6.63 10.42
C LYS A 90 19.83 -6.29 9.37
N PRO A 91 19.17 -5.13 9.46
CA PRO A 91 18.21 -4.76 8.42
C PRO A 91 18.91 -4.60 7.08
N TRP A 92 18.22 -4.95 6.00
CA TRP A 92 18.83 -4.80 4.68
C TRP A 92 19.09 -3.34 4.30
N ARG A 93 18.44 -2.40 4.96
CA ARG A 93 18.68 -0.97 4.78
C ARG A 93 18.45 -0.30 6.12
N PRO A 94 19.02 0.89 6.34
CA PRO A 94 18.75 1.59 7.60
C PRO A 94 17.25 1.66 7.87
N PRO A 95 16.82 1.36 9.09
CA PRO A 95 15.39 1.32 9.39
C PRO A 95 14.70 2.62 9.03
N SER A 96 13.46 2.51 8.56
CA SER A 96 12.66 3.69 8.32
C SER A 96 12.39 4.38 9.65
N LEU A 97 12.46 5.71 9.66
CA LEU A 97 12.26 6.46 10.89
C LEU A 97 10.80 6.51 11.33
N ILE A 98 9.87 6.11 10.49
CA ILE A 98 8.46 6.19 10.82
C ILE A 98 7.81 4.82 10.79
N LEU A 99 7.98 4.06 9.70
CA LEU A 99 7.39 2.73 9.63
C LEU A 99 7.98 1.81 10.70
N GLU A 100 9.28 1.91 10.93
CA GLU A 100 10.00 0.94 11.74
C GLU A 100 10.48 1.60 13.03
N ALA A 101 9.61 2.41 13.60
CA ALA A 101 9.84 3.07 14.88
C ALA A 101 8.58 2.95 15.72
N ASP A 102 8.77 3.01 17.02
CA ASP A 102 7.68 3.04 17.98
C ASP A 102 7.59 4.41 18.62
N PRO A 103 6.44 4.77 19.19
CA PRO A 103 6.38 5.95 20.05
C PRO A 103 7.31 5.77 21.24
N PRO A 104 7.98 6.85 21.69
CA PRO A 104 7.83 8.23 21.22
C PRO A 104 8.73 8.59 20.04
N ALA A 105 9.75 7.78 19.71
CA ALA A 105 10.63 8.17 18.60
C ALA A 105 9.85 8.35 17.29
N HIS A 106 8.77 7.60 17.12
CA HIS A 106 7.94 7.67 15.93
C HIS A 106 7.21 9.00 15.82
N THR A 107 6.89 9.62 16.96
CA THR A 107 5.82 10.60 17.05
C THR A 107 6.14 11.87 16.25
N ARG A 108 7.33 12.44 16.45
CA ARG A 108 7.61 13.70 15.78
C ARG A 108 7.86 13.51 14.28
N PRO A 109 8.63 12.50 13.85
CA PRO A 109 8.69 12.23 12.39
C PRO A 109 7.33 11.97 11.76
N ARG A 110 6.45 11.27 12.46
CA ARG A 110 5.08 11.09 11.96
C ARG A 110 4.40 12.44 11.78
N ALA A 111 4.51 13.32 12.77
CA ALA A 111 3.85 14.62 12.69
C ALA A 111 4.38 15.45 11.51
N VAL A 112 5.68 15.38 11.23
CA VAL A 112 6.22 16.09 10.08
C VAL A 112 5.59 15.58 8.79
N LEU A 113 5.53 14.26 8.65
CA LEU A 113 4.97 13.71 7.42
C LEU A 113 3.49 14.01 7.30
N SER A 114 2.74 14.01 8.40
CA SER A 114 1.33 14.34 8.25
C SER A 114 1.14 15.82 7.93
N LYS A 115 2.04 16.69 8.41
CA LYS A 115 1.97 18.09 7.99
C LYS A 115 2.38 18.25 6.54
N VAL A 116 3.39 17.49 6.09
CA VAL A 116 3.81 17.55 4.69
C VAL A 116 2.70 17.06 3.77
N LEU A 117 2.05 15.95 4.13
CA LEU A 117 0.99 15.36 3.31
C LEU A 117 -0.39 15.71 3.85
N SER A 118 -0.59 16.98 4.23
CA SER A 118 -1.67 17.47 5.08
C SER A 118 -2.92 17.72 4.25
N PRO A 119 -4.07 17.82 4.90
CA PRO A 119 -5.26 18.35 4.22
C PRO A 119 -4.99 19.66 3.48
N ALA A 120 -4.23 20.57 4.09
CA ALA A 120 -3.96 21.84 3.42
C ALA A 120 -3.03 21.65 2.22
N THR A 121 -2.12 20.67 2.28
CA THR A 121 -1.26 20.41 1.12
C THR A 121 -2.06 19.89 -0.06
N MET A 122 -3.06 19.07 0.20
CA MET A 122 -3.86 18.51 -0.90
C MET A 122 -4.50 19.63 -1.72
N LYS A 123 -4.89 20.72 -1.07
CA LYS A 123 -5.49 21.86 -1.76
C LYS A 123 -4.56 22.42 -2.84
N THR A 124 -3.25 22.42 -2.58
CA THR A 124 -2.30 22.98 -3.54
C THR A 124 -2.05 22.08 -4.75
N ILE A 125 -2.24 20.78 -4.62
CA ILE A 125 -1.96 19.85 -5.71
C ILE A 125 -3.21 19.29 -6.37
N ARG A 126 -4.38 19.41 -5.74
CA ARG A 126 -5.59 18.75 -6.26
C ARG A 126 -5.88 19.10 -7.72
N ASP A 127 -5.85 20.39 -8.07
CA ASP A 127 -6.26 20.77 -9.42
C ASP A 127 -5.30 20.22 -10.46
N GLY A 128 -4.01 20.18 -10.14
CA GLY A 128 -3.04 19.65 -11.08
C GLY A 128 -3.13 18.14 -11.20
N PHE A 129 -3.39 17.47 -10.08
CA PHE A 129 -3.62 16.02 -10.13
C PHE A 129 -4.86 15.69 -10.96
N ALA A 130 -5.94 16.46 -10.80
CA ALA A 130 -7.17 16.18 -11.53
C ALA A 130 -7.02 16.43 -13.03
N ALA A 131 -6.40 17.55 -13.42
CA ALA A 131 -6.18 17.80 -14.84
C ALA A 131 -5.32 16.72 -15.46
N ALA A 132 -4.32 16.21 -14.73
CA ALA A 132 -3.48 15.15 -15.24
C ALA A 132 -4.27 13.84 -15.37
N ALA A 133 -5.19 13.59 -14.45
CA ALA A 133 -6.04 12.39 -14.56
C ALA A 133 -6.96 12.49 -15.77
N ASP A 134 -7.59 13.65 -15.97
CA ASP A 134 -8.46 13.84 -17.14
C ASP A 134 -7.69 13.72 -18.44
N ALA A 135 -6.50 14.33 -18.50
CA ALA A 135 -5.69 14.30 -19.72
C ALA A 135 -5.26 12.88 -20.03
N LYS A 136 -4.91 12.09 -19.02
CA LYS A 136 -4.52 10.72 -19.28
C LYS A 136 -5.71 9.91 -19.84
N VAL A 137 -6.89 10.07 -19.24
CA VAL A 137 -8.05 9.31 -19.73
C VAL A 137 -8.40 9.72 -21.17
N ASP A 138 -8.31 11.02 -21.48
CA ASP A 138 -8.51 11.45 -22.86
C ASP A 138 -7.49 10.80 -23.79
N GLU A 139 -6.23 10.72 -23.34
CA GLU A 139 -5.20 10.12 -24.17
C GLU A 139 -5.47 8.64 -24.38
N LEU A 140 -5.87 7.94 -23.31
CA LEU A 140 -6.17 6.51 -23.44
C LEU A 140 -7.40 6.27 -24.31
N LEU A 141 -8.37 7.19 -24.28
CA LEU A 141 -9.54 7.02 -25.15
C LEU A 141 -9.17 7.15 -26.62
N GLN A 142 -8.12 7.92 -26.94
CA GLN A 142 -7.67 7.97 -28.33
C GLN A 142 -7.10 6.64 -28.79
N ARG A 143 -6.48 5.87 -27.88
CA ARG A 143 -5.91 4.60 -28.27
C ARG A 143 -6.90 3.44 -28.16
N GLY A 144 -7.91 3.54 -27.29
CA GLY A 144 -8.94 2.54 -27.21
C GLY A 144 -8.54 1.29 -26.44
N CYS A 145 -7.62 0.51 -27.00
CA CYS A 145 -7.13 -0.72 -26.39
C CYS A 145 -5.79 -0.42 -25.72
N ILE A 146 -5.77 -0.48 -24.38
CA ILE A 146 -4.62 -0.08 -23.59
C ILE A 146 -4.33 -1.19 -22.57
N ASP A 147 -3.19 -1.06 -21.90
CA ASP A 147 -2.90 -1.86 -20.72
C ASP A 147 -3.23 -1.00 -19.51
N ALA A 148 -4.28 -1.39 -18.77
CA ALA A 148 -4.69 -0.56 -17.64
C ALA A 148 -3.65 -0.49 -16.53
N ILE A 149 -2.63 -1.34 -16.57
CA ILE A 149 -1.53 -1.17 -15.61
C ILE A 149 -0.51 -0.19 -16.17
N ALA A 150 0.28 -0.62 -17.16
CA ALA A 150 1.34 0.23 -17.68
C ALA A 150 0.81 1.58 -18.17
N ASP A 151 -0.31 1.58 -18.90
CA ASP A 151 -0.75 2.82 -19.53
C ASP A 151 -1.64 3.67 -18.65
N LEU A 152 -2.04 3.18 -17.48
CA LEU A 152 -2.98 3.94 -16.68
C LEU A 152 -2.58 3.93 -15.22
N ALA A 153 -2.68 2.76 -14.59
CA ALA A 153 -2.40 2.64 -13.17
C ALA A 153 -0.97 3.05 -12.85
N GLU A 154 -0.02 2.70 -13.74
CA GLU A 154 1.38 3.09 -13.55
C GLU A 154 1.62 4.50 -14.07
N ALA A 155 1.14 4.78 -15.29
CA ALA A 155 1.47 6.03 -15.95
C ALA A 155 0.93 7.25 -15.20
N TYR A 156 -0.30 7.17 -14.67
CA TYR A 156 -0.86 8.35 -14.03
C TYR A 156 -0.08 8.74 -12.77
N PRO A 157 0.05 7.88 -11.74
CA PRO A 157 0.90 8.25 -10.59
C PRO A 157 2.31 8.65 -10.97
N LEU A 158 2.92 7.99 -11.97
CA LEU A 158 4.22 8.42 -12.45
C LEU A 158 4.19 9.84 -13.00
N SER A 159 3.04 10.26 -13.53
CA SER A 159 2.94 11.59 -14.14
C SER A 159 2.71 12.70 -13.12
N VAL A 160 2.36 12.38 -11.86
CA VAL A 160 2.09 13.39 -10.86
C VAL A 160 2.97 13.25 -9.62
N PHE A 161 3.19 12.02 -9.14
CA PHE A 161 3.83 11.89 -7.83
C PHE A 161 5.30 12.28 -7.86
N PRO A 162 6.15 11.75 -8.77
CA PRO A 162 7.56 12.18 -8.77
C PRO A 162 7.73 13.68 -8.87
N ASP A 163 6.87 14.34 -9.65
CA ASP A 163 6.94 15.78 -9.75
C ASP A 163 6.50 16.44 -8.45
N ALA A 164 5.43 15.93 -7.81
CA ALA A 164 5.03 16.48 -6.51
C ALA A 164 6.10 16.26 -5.44
N MET A 165 6.90 15.19 -5.56
CA MET A 165 8.03 14.98 -4.65
C MET A 165 9.10 16.04 -4.86
N GLY A 166 9.15 16.62 -6.05
CA GLY A 166 10.25 17.47 -6.44
C GLY A 166 11.44 16.70 -6.99
N LEU A 167 11.23 15.54 -7.60
CA LEU A 167 12.33 14.75 -8.13
C LEU A 167 12.72 15.27 -9.51
N LYS A 168 14.01 15.22 -9.81
CA LYS A 168 14.45 15.48 -11.17
C LYS A 168 13.91 14.40 -12.11
N GLN A 169 14.02 14.68 -13.41
CA GLN A 169 13.50 13.75 -14.41
C GLN A 169 14.38 12.51 -14.50
N GLU A 170 15.69 12.68 -14.46
CA GLU A 170 16.61 11.58 -14.66
C GLU A 170 16.47 10.52 -13.57
N GLY A 171 16.47 9.25 -13.98
CA GLY A 171 16.52 8.16 -13.04
C GLY A 171 15.19 7.67 -12.49
N ARG A 172 14.06 8.25 -12.91
CA ARG A 172 12.78 7.84 -12.36
C ARG A 172 12.46 6.38 -12.61
N GLU A 173 13.13 5.76 -13.58
CA GLU A 173 12.96 4.33 -13.84
C GLU A 173 13.35 3.47 -12.65
N HIS A 174 14.09 4.02 -11.67
CA HIS A 174 14.45 3.28 -10.47
C HIS A 174 13.33 3.24 -9.43
N LEU A 175 12.32 4.12 -9.54
CA LEU A 175 11.37 4.29 -8.45
C LEU A 175 10.51 3.04 -8.24
N LEU A 176 9.90 2.54 -9.30
CA LEU A 176 9.03 1.38 -9.13
C LEU A 176 9.86 0.14 -8.77
N PRO A 177 11.02 -0.09 -9.41
CA PRO A 177 11.87 -1.21 -8.94
C PRO A 177 12.25 -1.11 -7.46
N TYR A 178 12.61 0.09 -6.99
CA TYR A 178 12.96 0.23 -5.57
C TYR A 178 11.75 -0.11 -4.69
N ALA A 179 10.56 0.41 -5.05
CA ALA A 179 9.36 0.15 -4.26
C ALA A 179 9.02 -1.33 -4.20
N GLY A 180 9.17 -2.04 -5.32
CA GLY A 180 8.90 -3.48 -5.32
C GLY A 180 9.90 -4.24 -4.47
N LEU A 181 11.17 -3.80 -4.49
CA LEU A 181 12.17 -4.37 -3.61
C LEU A 181 11.76 -4.20 -2.14
N VAL A 182 11.39 -2.97 -1.76
CA VAL A 182 11.04 -2.72 -0.35
C VAL A 182 9.92 -3.66 0.09
N LEU A 183 8.88 -3.79 -0.74
CA LEU A 183 7.75 -4.64 -0.38
C LEU A 183 8.14 -6.10 -0.31
N ASN A 184 8.94 -6.57 -1.26
CA ASN A 184 9.42 -7.95 -1.23
C ASN A 184 10.29 -8.21 0.01
N ALA A 185 11.03 -7.19 0.45
CA ALA A 185 11.97 -7.32 1.56
C ALA A 185 11.27 -7.47 2.91
N PHE A 186 10.00 -7.05 3.04
CA PHE A 186 9.25 -7.43 4.23
C PHE A 186 8.99 -8.92 4.30
N GLY A 187 9.20 -9.67 3.23
CA GLY A 187 8.86 -11.08 3.21
C GLY A 187 9.93 -11.94 3.84
N PRO A 188 9.65 -13.24 3.91
CA PRO A 188 10.65 -14.20 4.40
C PRO A 188 11.79 -14.28 3.41
N PRO A 189 12.90 -14.94 3.77
CA PRO A 189 14.01 -15.06 2.82
C PRO A 189 13.73 -16.10 1.73
N ASN A 190 12.65 -15.90 0.99
CA ASN A 190 12.38 -16.76 -0.15
C ASN A 190 13.09 -16.19 -1.37
N GLU A 191 12.91 -16.81 -2.53
CA GLU A 191 13.69 -16.36 -3.67
C GLU A 191 13.17 -15.04 -4.23
N LEU A 192 11.87 -14.75 -4.06
CA LEU A 192 11.37 -13.41 -4.39
C LEU A 192 12.17 -12.34 -3.65
N ARG A 193 12.35 -12.51 -2.33
CA ARG A 193 13.05 -11.52 -1.54
C ARG A 193 14.52 -11.47 -1.92
N GLN A 194 15.18 -12.63 -1.92
CA GLN A 194 16.63 -12.60 -2.09
C GLN A 194 17.01 -12.18 -3.50
N THR A 195 16.17 -12.50 -4.49
CA THR A 195 16.43 -11.98 -5.84
C THR A 195 16.25 -10.47 -5.88
N ALA A 196 15.28 -9.95 -5.12
CA ALA A 196 15.08 -8.50 -5.07
C ALA A 196 16.26 -7.80 -4.41
N ILE A 197 16.82 -8.40 -3.36
CA ILE A 197 17.91 -7.75 -2.63
C ILE A 197 19.19 -7.77 -3.46
N GLU A 198 19.53 -8.92 -4.06
CA GLU A 198 20.41 -8.83 -5.22
C GLU A 198 19.69 -7.96 -6.23
N ARG A 199 20.44 -7.41 -7.20
CA ARG A 199 19.80 -6.58 -8.22
C ARG A 199 19.35 -5.23 -7.66
N SER A 200 19.53 -4.97 -6.36
CA SER A 200 19.00 -3.77 -5.73
C SER A 200 19.97 -2.59 -5.67
N ALA A 201 21.27 -2.83 -5.74
CA ALA A 201 22.25 -1.76 -5.55
C ALA A 201 21.96 -0.51 -6.37
N PRO A 202 21.70 -0.57 -7.68
CA PRO A 202 21.46 0.68 -8.43
C PRO A 202 20.24 1.45 -7.96
N HIS A 203 19.14 0.76 -7.61
CA HIS A 203 17.94 1.45 -7.18
C HIS A 203 18.15 2.15 -5.84
N GLN A 204 18.81 1.47 -4.90
CA GLN A 204 19.11 2.07 -3.61
C GLN A 204 19.94 3.34 -3.77
N ALA A 205 20.99 3.27 -4.61
CA ALA A 205 21.88 4.41 -4.78
C ALA A 205 21.17 5.58 -5.42
N TYR A 206 20.27 5.32 -6.37
CA TYR A 206 19.45 6.39 -6.92
C TYR A 206 18.61 7.02 -5.83
N VAL A 207 17.83 6.21 -5.11
CA VAL A 207 16.87 6.72 -4.14
C VAL A 207 17.58 7.50 -3.04
N ASN A 208 18.62 6.89 -2.45
CA ASN A 208 19.33 7.57 -1.38
C ASN A 208 19.85 8.92 -1.84
N GLU A 209 20.40 9.00 -3.05
CA GLU A 209 20.93 10.28 -3.51
C GLU A 209 19.82 11.33 -3.68
N GLN A 210 18.64 10.93 -4.15
CA GLN A 210 17.59 11.95 -4.31
C GLN A 210 17.03 12.42 -2.98
N CYS A 211 17.34 11.74 -1.89
CA CYS A 211 16.83 12.18 -0.60
C CYS A 211 17.59 13.39 -0.06
N GLN A 212 18.69 13.76 -0.70
CA GLN A 212 19.51 14.86 -0.23
C GLN A 212 18.89 16.17 -0.68
N ARG A 213 18.75 17.10 0.26
CA ARG A 213 18.13 18.41 0.05
C ARG A 213 18.47 19.08 -1.28
N PRO A 214 19.73 19.12 -1.72
CA PRO A 214 20.01 19.83 -2.99
C PRO A 214 19.35 19.20 -4.20
N ASN A 215 18.89 17.95 -4.11
CA ASN A 215 18.34 17.26 -5.27
C ASN A 215 16.81 17.31 -5.32
N LEU A 216 16.17 18.03 -4.40
CA LEU A 216 14.72 18.06 -4.29
C LEU A 216 14.18 19.46 -4.63
N ALA A 217 13.42 19.54 -5.72
CA ALA A 217 12.95 20.83 -6.23
C ALA A 217 12.10 21.57 -5.20
N PRO A 218 12.18 22.90 -5.19
CA PRO A 218 11.49 23.68 -4.14
C PRO A 218 9.97 23.57 -4.27
N GLY A 219 9.29 23.64 -3.14
CA GLY A 219 7.88 23.45 -3.08
C GLY A 219 7.40 22.00 -3.05
N GLY A 220 8.24 21.03 -3.44
CA GLY A 220 7.80 19.65 -3.46
C GLY A 220 7.76 19.02 -2.08
N PHE A 221 7.24 17.78 -2.02
CA PHE A 221 7.15 17.09 -0.74
C PHE A 221 8.54 16.94 -0.12
N GLY A 222 9.53 16.60 -0.94
CA GLY A 222 10.87 16.39 -0.42
C GLY A 222 11.43 17.63 0.25
N ALA A 223 11.42 18.76 -0.46
CA ALA A 223 11.95 19.99 0.14
C ALA A 223 11.13 20.41 1.35
N CYS A 224 9.85 20.06 1.37
CA CYS A 224 9.01 20.40 2.52
CA CYS A 224 9.02 20.40 2.52
C CYS A 224 9.44 19.60 3.75
N ILE A 225 9.82 18.34 3.57
CA ILE A 225 10.36 17.57 4.69
C ILE A 225 11.63 18.24 5.21
N HIS A 226 12.56 18.54 4.32
CA HIS A 226 13.80 19.20 4.74
C HIS A 226 13.53 20.55 5.41
N ALA A 227 12.44 21.22 5.03
CA ALA A 227 12.13 22.52 5.64
C ALA A 227 11.58 22.37 7.04
N PHE A 228 11.16 21.17 7.45
CA PHE A 228 10.72 20.96 8.82
C PHE A 228 11.85 20.63 9.78
N THR A 229 13.09 20.56 9.31
CA THR A 229 14.22 20.27 10.19
C THR A 229 14.53 21.41 11.15
N ASP A 230 13.84 22.55 10.99
CA ASP A 230 13.98 23.77 11.77
C ASP A 230 13.23 23.75 13.09
N THR A 231 12.20 22.90 13.21
CA THR A 231 11.18 23.07 14.23
C THR A 231 11.50 22.36 15.53
N GLY A 232 12.49 21.48 15.55
CA GLY A 232 12.69 20.60 16.67
C GLY A 232 11.97 19.28 16.54
N GLU A 233 11.29 19.04 15.42
CA GLU A 233 10.58 17.80 15.20
C GLU A 233 11.47 16.73 14.58
N ILE A 234 12.19 17.08 13.52
CA ILE A 234 13.26 16.24 12.98
C ILE A 234 14.52 17.08 12.86
N THR A 235 15.68 16.40 12.94
CA THR A 235 16.95 17.05 12.71
C THR A 235 17.33 16.93 11.23
N PRO A 236 18.27 17.76 10.76
CA PRO A 236 18.68 17.65 9.34
C PRO A 236 19.12 16.26 8.92
N ASP A 237 19.77 15.48 9.79
CA ASP A 237 20.21 14.16 9.38
C ASP A 237 19.07 13.14 9.30
N GLU A 238 17.87 13.49 9.80
CA GLU A 238 16.70 12.63 9.68
C GLU A 238 15.90 12.87 8.41
N ALA A 239 16.00 14.07 7.83
CA ALA A 239 15.19 14.39 6.66
C ALA A 239 15.41 13.45 5.48
N PRO A 240 16.64 13.07 5.11
CA PRO A 240 16.76 12.14 3.96
C PRO A 240 16.02 10.83 4.16
N LEU A 241 16.07 10.25 5.36
CA LEU A 241 15.36 8.99 5.58
C LEU A 241 13.86 9.16 5.46
N LEU A 242 13.32 10.33 5.85
CA LEU A 242 11.88 10.56 5.70
C LEU A 242 11.49 10.74 4.24
N VAL A 243 12.36 11.38 3.46
CA VAL A 243 12.13 11.40 2.01
C VAL A 243 12.13 9.98 1.47
N ARG A 244 13.10 9.18 1.89
CA ARG A 244 13.16 7.78 1.48
C ARG A 244 11.83 7.07 1.74
N SER A 245 11.19 7.38 2.86
CA SER A 245 9.91 6.78 3.20
C SER A 245 8.87 7.04 2.12
N LEU A 246 8.79 8.29 1.64
CA LEU A 246 7.82 8.63 0.61
C LEU A 246 8.20 7.98 -0.72
N LEU A 247 9.49 7.97 -1.06
CA LEU A 247 9.89 7.25 -2.25
C LEU A 247 9.76 5.74 -2.08
N SER A 248 9.66 5.25 -0.85
CA SER A 248 9.45 3.82 -0.68
C SER A 248 7.96 3.46 -0.81
N ALA A 249 7.10 4.28 -0.21
CA ALA A 249 5.70 3.93 -0.01
C ALA A 249 4.74 4.73 -0.89
N GLY A 250 5.23 5.69 -1.66
CA GLY A 250 4.29 6.64 -2.23
C GLY A 250 3.83 6.36 -3.64
N LEU A 251 4.30 5.28 -4.25
CA LEU A 251 4.03 5.04 -5.66
C LEU A 251 3.40 3.67 -5.92
N ASP A 252 4.05 2.58 -5.53
CA ASP A 252 3.64 1.27 -6.02
C ASP A 252 2.25 0.88 -5.52
N THR A 253 1.95 1.16 -4.25
CA THR A 253 0.63 0.80 -3.72
C THR A 253 -0.47 1.62 -4.36
N THR A 254 -0.20 2.90 -4.65
CA THR A 254 -1.18 3.74 -5.33
C THR A 254 -1.44 3.23 -6.74
N VAL A 255 -0.36 2.91 -7.47
CA VAL A 255 -0.50 2.23 -8.76
C VAL A 255 -1.40 1.01 -8.63
N ASN A 256 -1.11 0.14 -7.67
CA ASN A 256 -1.91 -1.07 -7.54
C ASN A 256 -3.28 -0.80 -6.93
N GLY A 257 -3.43 0.26 -6.14
CA GLY A 257 -4.77 0.64 -5.73
C GLY A 257 -5.61 1.10 -6.91
N ILE A 258 -5.03 1.93 -7.78
CA ILE A 258 -5.75 2.35 -8.97
C ILE A 258 -5.95 1.16 -9.92
N GLY A 259 -4.96 0.29 -10.03
CA GLY A 259 -5.16 -0.92 -10.81
C GLY A 259 -6.31 -1.76 -10.27
N ALA A 260 -6.37 -1.92 -8.95
CA ALA A 260 -7.47 -2.64 -8.32
C ALA A 260 -8.81 -2.05 -8.73
N ALA A 261 -8.94 -0.72 -8.63
CA ALA A 261 -10.21 -0.07 -8.92
C ALA A 261 -10.62 -0.31 -10.37
N VAL A 262 -9.68 -0.16 -11.30
CA VAL A 262 -10.01 -0.41 -12.70
C VAL A 262 -10.42 -1.87 -12.89
N TYR A 263 -9.65 -2.79 -12.30
CA TYR A 263 -10.00 -4.21 -12.38
C TYR A 263 -11.41 -4.45 -11.86
N CYS A 264 -11.74 -3.83 -10.72
CA CYS A 264 -13.05 -4.02 -10.13
C CYS A 264 -14.13 -3.52 -11.08
N LEU A 265 -13.96 -2.31 -11.62
CA LEU A 265 -14.96 -1.75 -12.54
C LEU A 265 -15.07 -2.58 -13.82
N ALA A 266 -13.98 -3.22 -14.24
CA ALA A 266 -14.04 -4.11 -15.40
C ALA A 266 -14.78 -5.41 -15.08
N ARG A 267 -14.64 -5.92 -13.85
CA ARG A 267 -15.29 -7.15 -13.45
C ARG A 267 -16.71 -6.96 -12.96
N PHE A 268 -17.05 -5.77 -12.48
CA PHE A 268 -18.39 -5.45 -11.98
C PHE A 268 -18.95 -4.30 -12.82
N PRO A 269 -19.41 -4.58 -14.04
CA PRO A 269 -19.95 -3.48 -14.88
C PRO A 269 -21.12 -2.75 -14.26
N GLY A 270 -21.93 -3.42 -13.42
CA GLY A 270 -22.99 -2.70 -12.73
C GLY A 270 -22.46 -1.57 -11.86
N GLU A 271 -21.31 -1.79 -11.24
CA GLU A 271 -20.71 -0.74 -10.40
C GLU A 271 -20.17 0.41 -11.23
N LEU A 272 -19.58 0.13 -12.39
CA LEU A 272 -19.16 1.20 -13.30
C LEU A 272 -20.36 2.03 -13.72
N GLN A 273 -21.47 1.35 -14.02
CA GLN A 273 -22.69 2.06 -14.42
CA GLN A 273 -22.67 2.08 -14.43
C GLN A 273 -23.18 2.96 -13.29
N ARG A 274 -23.08 2.50 -12.05
CA ARG A 274 -23.49 3.38 -10.96
C ARG A 274 -22.52 4.55 -10.82
N LEU A 275 -21.21 4.28 -10.95
CA LEU A 275 -20.22 5.34 -10.84
C LEU A 275 -20.43 6.40 -11.91
N ARG A 276 -20.62 5.97 -13.17
CA ARG A 276 -20.91 6.90 -14.24
C ARG A 276 -22.12 7.75 -13.92
N SER A 277 -23.15 7.15 -13.31
CA SER A 277 -24.37 7.91 -13.06
C SER A 277 -24.21 8.89 -11.90
N ASP A 278 -23.23 8.69 -11.02
CA ASP A 278 -22.92 9.65 -9.96
C ASP A 278 -21.41 9.66 -9.77
N PRO A 279 -20.68 10.51 -10.50
CA PRO A 279 -19.22 10.56 -10.34
C PRO A 279 -18.76 10.99 -8.95
N THR A 280 -19.64 11.57 -8.12
CA THR A 280 -19.20 11.87 -6.77
C THR A 280 -18.98 10.61 -5.94
N LEU A 281 -19.32 9.43 -6.46
CA LEU A 281 -18.96 8.17 -5.84
C LEU A 281 -17.51 7.78 -6.08
N ALA A 282 -16.77 8.57 -6.87
CA ALA A 282 -15.41 8.22 -7.25
C ALA A 282 -14.54 7.95 -6.03
N ARG A 283 -14.62 8.81 -5.01
CA ARG A 283 -13.74 8.64 -3.86
C ARG A 283 -14.08 7.37 -3.09
N ASN A 284 -15.36 7.09 -2.92
CA ASN A 284 -15.69 5.85 -2.22
C ASN A 284 -15.46 4.63 -3.08
N ALA A 285 -15.66 4.75 -4.40
CA ALA A 285 -15.30 3.63 -5.27
C ALA A 285 -13.83 3.25 -5.10
N PHE A 286 -12.94 4.25 -5.01
CA PHE A 286 -11.54 3.93 -4.81
C PHE A 286 -11.31 3.30 -3.44
N GLU A 287 -11.91 3.90 -2.39
CA GLU A 287 -11.77 3.34 -1.05
C GLU A 287 -12.22 1.88 -1.02
N GLU A 288 -13.33 1.57 -1.67
CA GLU A 288 -13.82 0.20 -1.68
C GLU A 288 -12.85 -0.71 -2.42
N ALA A 289 -12.23 -0.20 -3.50
CA ALA A 289 -11.23 -1.02 -4.18
C ALA A 289 -10.06 -1.32 -3.26
N VAL A 290 -9.67 -0.35 -2.42
CA VAL A 290 -8.60 -0.60 -1.45
C VAL A 290 -9.01 -1.68 -0.46
N ARG A 291 -10.26 -1.65 0.01
CA ARG A 291 -10.70 -2.74 0.88
C ARG A 291 -10.73 -4.07 0.13
N PHE A 292 -11.25 -4.05 -1.09
CA PHE A 292 -11.55 -5.26 -1.83
C PHE A 292 -10.29 -5.97 -2.33
N GLU A 293 -9.28 -5.20 -2.72
CA GLU A 293 -8.05 -5.81 -3.21
C GLU A 293 -6.85 -5.57 -2.31
N SER A 294 -6.99 -4.78 -1.25
CA SER A 294 -5.93 -4.44 -0.31
C SER A 294 -4.48 -4.47 -0.74
N PRO A 295 -4.04 -3.52 -1.59
CA PRO A 295 -2.70 -3.63 -2.20
C PRO A 295 -1.63 -4.04 -1.22
N VAL A 296 -1.67 -3.56 0.02
CA VAL A 296 -0.75 -4.02 1.05
C VAL A 296 -1.45 -5.19 1.75
N GLN A 297 -1.04 -6.41 1.40
CA GLN A 297 -1.73 -7.59 1.88
C GLN A 297 -1.40 -7.93 3.33
N THR A 298 -0.13 -7.78 3.71
CA THR A 298 0.36 -8.30 4.98
C THR A 298 1.56 -7.50 5.46
N PHE A 299 1.78 -7.56 6.77
CA PHE A 299 3.08 -7.26 7.39
C PHE A 299 3.00 -7.69 8.85
N PHE A 300 4.10 -7.47 9.57
CA PHE A 300 4.33 -8.03 10.89
C PHE A 300 4.36 -6.97 11.98
N ARG A 301 4.18 -7.46 13.20
CA ARG A 301 4.60 -6.77 14.41
C ARG A 301 5.43 -7.77 15.22
N THR A 302 6.15 -7.27 16.22
CA THR A 302 6.89 -8.13 17.14
C THR A 302 6.42 -7.87 18.56
N THR A 303 6.08 -8.95 19.28
CA THR A 303 5.64 -8.83 20.66
C THR A 303 6.80 -8.38 21.53
N THR A 304 6.57 -7.34 22.33
CA THR A 304 7.54 -6.87 23.30
C THR A 304 7.36 -7.54 24.64
N ARG A 305 6.46 -8.52 24.73
CA ARG A 305 5.93 -8.98 25.99
C ARG A 305 5.04 -10.20 25.73
N GLU A 306 4.96 -11.11 26.69
CA GLU A 306 4.00 -12.21 26.57
C GLU A 306 2.58 -11.64 26.65
N VAL A 307 1.77 -11.92 25.62
CA VAL A 307 0.45 -11.30 25.49
C VAL A 307 -0.60 -12.36 25.19
N GLU A 308 -1.80 -12.17 25.74
CA GLU A 308 -2.95 -12.98 25.37
C GLU A 308 -3.70 -12.26 24.26
N LEU A 309 -3.73 -12.87 23.07
CA LEU A 309 -4.36 -12.30 21.90
C LEU A 309 -5.56 -13.18 21.54
N GLY A 310 -6.74 -12.57 21.45
CA GLY A 310 -7.95 -13.36 21.40
C GLY A 310 -8.02 -14.20 22.65
N GLY A 311 -7.82 -15.51 22.52
CA GLY A 311 -7.76 -16.36 23.69
C GLY A 311 -6.50 -17.20 23.75
N ALA A 312 -5.44 -16.73 23.08
CA ALA A 312 -4.20 -17.50 22.97
C ALA A 312 -3.02 -16.67 23.48
N VAL A 313 -2.01 -17.36 23.99
CA VAL A 313 -0.88 -16.71 24.64
C VAL A 313 0.30 -16.73 23.68
N ILE A 314 0.89 -15.57 23.45
CA ILE A 314 2.02 -15.41 22.54
C ILE A 314 3.21 -14.94 23.36
N GLY A 315 4.32 -15.65 23.24
CA GLY A 315 5.52 -15.30 23.98
C GLY A 315 6.10 -13.95 23.57
N GLU A 316 7.10 -13.54 24.35
CA GLU A 316 7.83 -12.32 24.04
C GLU A 316 8.71 -12.52 22.82
N GLY A 317 8.92 -11.44 22.08
CA GLY A 317 9.84 -11.44 20.97
C GLY A 317 9.44 -12.28 19.79
N GLU A 318 8.13 -12.45 19.56
CA GLU A 318 7.59 -13.30 18.50
C GLU A 318 7.04 -12.44 17.38
N LYS A 319 7.29 -12.86 16.15
CA LYS A 319 6.74 -12.17 14.99
C LYS A 319 5.27 -12.56 14.83
N VAL A 320 4.44 -11.57 14.55
CA VAL A 320 3.00 -11.75 14.34
C VAL A 320 2.64 -11.20 12.97
N LEU A 321 2.14 -12.08 12.10
CA LEU A 321 1.74 -11.72 10.74
C LEU A 321 0.27 -11.36 10.74
N MET A 322 -0.04 -10.13 10.31
CA MET A 322 -1.40 -9.67 10.07
C MET A 322 -1.75 -9.81 8.61
N PHE A 323 -2.96 -10.30 8.33
CA PHE A 323 -3.49 -10.44 6.97
C PHE A 323 -4.49 -9.31 6.75
N LEU A 324 -4.00 -8.17 6.27
CA LEU A 324 -4.88 -7.02 6.06
C LEU A 324 -5.98 -7.33 5.06
N GLY A 325 -5.63 -7.94 3.92
CA GLY A 325 -6.63 -8.25 2.92
C GLY A 325 -7.68 -9.21 3.44
N SER A 326 -7.25 -10.17 4.28
CA SER A 326 -8.17 -11.10 4.92
C SER A 326 -9.12 -10.39 5.88
N ALA A 327 -8.58 -9.48 6.68
CA ALA A 327 -9.42 -8.73 7.62
C ALA A 327 -10.46 -7.90 6.88
N ASN A 328 -10.12 -7.42 5.69
CA ASN A 328 -11.02 -6.63 4.86
C ASN A 328 -12.05 -7.49 4.14
N ARG A 329 -11.96 -8.81 4.26
CA ARG A 329 -12.94 -9.70 3.65
C ARG A 329 -13.56 -10.65 4.67
N ASP A 330 -13.39 -10.37 5.96
CA ASP A 330 -13.89 -11.18 7.07
C ASP A 330 -15.41 -11.05 7.18
N PRO A 331 -16.19 -12.11 6.94
CA PRO A 331 -17.66 -11.98 7.05
C PRO A 331 -18.13 -11.73 8.48
N ARG A 332 -17.24 -11.86 9.46
CA ARG A 332 -17.56 -11.45 10.82
C ARG A 332 -17.67 -9.95 10.95
N ARG A 333 -17.09 -9.20 10.01
CA ARG A 333 -17.11 -7.76 10.06
C ARG A 333 -17.86 -7.12 8.91
N TRP A 334 -17.82 -7.71 7.71
CA TRP A 334 -18.42 -7.13 6.52
C TRP A 334 -19.59 -7.96 6.03
N SER A 335 -20.64 -7.28 5.57
CA SER A 335 -21.68 -7.97 4.83
C SER A 335 -21.20 -8.17 3.40
N ASP A 336 -21.47 -9.36 2.85
CA ASP A 336 -20.98 -9.79 1.53
C ASP A 336 -19.60 -9.22 1.30
N PRO A 337 -18.59 -9.70 2.03
CA PRO A 337 -17.25 -9.10 1.89
C PRO A 337 -16.67 -9.28 0.51
N ASP A 338 -17.08 -10.32 -0.21
CA ASP A 338 -16.49 -10.62 -1.50
C ASP A 338 -17.17 -9.88 -2.65
N LEU A 339 -18.05 -8.94 -2.36
CA LEU A 339 -18.64 -8.10 -3.40
C LEU A 339 -18.04 -6.71 -3.40
N TYR A 340 -17.73 -6.22 -4.60
CA TYR A 340 -17.29 -4.83 -4.79
C TYR A 340 -18.51 -3.91 -4.84
N ASP A 341 -18.63 -3.03 -3.85
CA ASP A 341 -19.82 -2.19 -3.65
C ASP A 341 -19.36 -0.74 -3.47
N ILE A 342 -19.49 0.09 -4.50
CA ILE A 342 -18.97 1.45 -4.40
C ILE A 342 -19.79 2.34 -3.47
N THR A 343 -20.97 1.90 -3.01
CA THR A 343 -21.67 2.64 -1.97
C THR A 343 -21.52 2.01 -0.58
N ARG A 344 -20.67 0.99 -0.44
CA ARG A 344 -20.43 0.40 0.86
C ARG A 344 -19.86 1.44 1.84
N LYS A 345 -20.31 1.38 3.09
CA LYS A 345 -19.64 2.08 4.18
C LYS A 345 -18.32 1.37 4.48
N THR A 346 -17.23 1.87 3.88
CA THR A 346 -15.92 1.24 4.02
C THR A 346 -15.21 1.64 5.30
N SER A 347 -15.75 2.60 6.03
CA SER A 347 -15.07 3.13 7.21
C SER A 347 -14.70 2.00 8.17
N GLY A 348 -13.42 1.96 8.54
CA GLY A 348 -12.94 0.89 9.39
C GLY A 348 -12.14 -0.18 8.68
N HIS A 349 -12.11 -0.20 7.35
CA HIS A 349 -11.25 -1.15 6.66
C HIS A 349 -9.79 -0.86 7.03
N VAL A 350 -8.94 -1.89 6.93
CA VAL A 350 -7.54 -1.78 7.35
C VAL A 350 -6.59 -1.74 6.16
N GLY A 351 -7.11 -1.48 4.95
CA GLY A 351 -6.25 -1.40 3.79
C GLY A 351 -5.18 -0.33 3.89
N PHE A 352 -5.40 0.70 4.72
CA PHE A 352 -4.42 1.74 5.03
C PHE A 352 -3.84 1.56 6.43
N GLY A 353 -4.03 0.39 7.04
CA GLY A 353 -3.64 0.22 8.41
C GLY A 353 -4.65 0.81 9.37
N SER A 354 -4.20 1.03 10.61
CA SER A 354 -5.06 1.54 11.66
C SER A 354 -4.20 1.89 12.85
N GLY A 355 -4.55 2.98 13.54
CA GLY A 355 -3.78 3.38 14.71
C GLY A 355 -2.65 4.34 14.40
N VAL A 356 -1.59 4.32 15.21
CA VAL A 356 -0.59 5.38 15.10
C VAL A 356 0.18 5.31 13.78
N HIS A 357 0.30 4.14 13.17
CA HIS A 357 1.02 4.04 11.90
C HIS A 357 0.09 4.19 10.70
N MET A 358 -1.20 4.37 10.90
CA MET A 358 -2.14 4.44 9.79
C MET A 358 -1.48 5.24 8.69
N CYS A 359 -1.66 4.80 7.43
CA CYS A 359 -0.97 5.34 6.28
C CYS A 359 -0.94 6.86 6.38
N VAL A 360 0.27 7.43 6.47
CA VAL A 360 0.37 8.88 6.54
C VAL A 360 0.18 9.52 5.17
N GLY A 361 0.37 8.77 4.08
CA GLY A 361 0.07 9.28 2.75
C GLY A 361 -1.33 8.97 2.21
N GLN A 362 -2.28 8.64 3.08
CA GLN A 362 -3.59 8.20 2.58
C GLN A 362 -4.30 9.31 1.80
N LEU A 363 -4.09 10.57 2.16
CA LEU A 363 -4.75 11.66 1.44
C LEU A 363 -4.24 11.77 0.00
N VAL A 364 -2.96 11.50 -0.22
CA VAL A 364 -2.42 11.53 -1.59
C VAL A 364 -2.98 10.38 -2.41
N ALA A 365 -2.92 9.17 -1.85
CA ALA A 365 -3.48 8.00 -2.52
C ALA A 365 -4.95 8.24 -2.88
N ARG A 366 -5.73 8.69 -1.90
CA ARG A 366 -7.16 8.90 -2.13
C ARG A 366 -7.39 9.95 -3.19
N LEU A 367 -6.62 11.04 -3.15
CA LEU A 367 -6.75 12.09 -4.16
C LEU A 367 -6.45 11.53 -5.56
N GLU A 368 -5.32 10.83 -5.70
CA GLU A 368 -4.97 10.24 -6.99
C GLU A 368 -6.07 9.29 -7.45
N GLY A 369 -6.48 8.37 -6.57
CA GLY A 369 -7.51 7.42 -6.95
C GLY A 369 -8.82 8.12 -7.27
N GLU A 370 -9.20 9.11 -6.46
CA GLU A 370 -10.47 9.79 -6.70
C GLU A 370 -10.47 10.47 -8.07
N VAL A 371 -9.42 11.24 -8.39
CA VAL A 371 -9.49 12.04 -9.61
C VAL A 371 -9.40 11.15 -10.83
N MET A 372 -8.75 9.99 -10.71
CA MET A 372 -8.74 9.06 -11.82
C MET A 372 -10.11 8.42 -12.00
N LEU A 373 -10.72 7.93 -10.91
CA LEU A 373 -12.04 7.32 -11.04
C LEU A 373 -13.09 8.33 -11.49
N SER A 374 -12.90 9.60 -11.12
CA SER A 374 -13.81 10.65 -11.58
C SER A 374 -13.65 10.85 -13.09
N ALA A 375 -12.40 10.92 -13.58
CA ALA A 375 -12.16 11.03 -15.01
C ALA A 375 -12.81 9.87 -15.78
N LEU A 376 -12.62 8.64 -15.29
CA LEU A 376 -13.25 7.49 -15.94
C LEU A 376 -14.77 7.59 -15.82
N ALA A 377 -15.28 7.99 -14.66
CA ALA A 377 -16.72 8.09 -14.46
C ALA A 377 -17.35 9.02 -15.50
N ARG A 378 -16.66 10.09 -15.86
CA ARG A 378 -17.22 11.09 -16.76
C ARG A 378 -16.93 10.83 -18.24
N LYS A 379 -15.93 10.03 -18.56
CA LYS A 379 -15.49 9.93 -19.95
C LYS A 379 -15.64 8.55 -20.56
N VAL A 380 -15.75 7.51 -19.74
CA VAL A 380 -15.73 6.13 -20.20
C VAL A 380 -17.11 5.54 -20.06
N ALA A 381 -17.57 4.83 -21.10
CA ALA A 381 -18.85 4.13 -21.03
C ALA A 381 -18.70 2.65 -20.65
N ALA A 382 -17.64 1.99 -21.09
CA ALA A 382 -17.44 0.58 -20.77
C ALA A 382 -15.95 0.30 -20.63
N ILE A 383 -15.63 -0.68 -19.79
CA ILE A 383 -14.27 -1.18 -19.59
C ILE A 383 -14.35 -2.68 -19.72
N ASP A 384 -13.83 -3.21 -20.82
CA ASP A 384 -13.91 -4.64 -21.10
C ASP A 384 -12.50 -5.22 -21.16
N ILE A 385 -12.28 -6.29 -20.41
CA ILE A 385 -11.00 -6.99 -20.49
C ILE A 385 -10.87 -7.62 -21.86
N ASP A 386 -9.73 -7.39 -22.52
CA ASP A 386 -9.57 -7.91 -23.87
C ASP A 386 -8.19 -8.52 -24.05
N GLY A 387 -7.64 -9.13 -23.00
CA GLY A 387 -6.42 -9.87 -23.08
C GLY A 387 -6.09 -10.58 -21.77
N PRO A 388 -5.05 -11.42 -21.78
CA PRO A 388 -4.67 -12.16 -20.58
C PRO A 388 -4.29 -11.22 -19.44
N VAL A 389 -4.92 -11.41 -18.30
CA VAL A 389 -4.55 -10.66 -17.10
C VAL A 389 -3.34 -11.34 -16.46
N LYS A 390 -2.31 -10.56 -16.17
CA LYS A 390 -1.08 -11.06 -15.56
C LYS A 390 -0.98 -10.49 -14.16
N ARG A 391 -0.87 -11.38 -13.18
CA ARG A 391 -0.78 -10.98 -11.80
C ARG A 391 0.67 -10.69 -11.43
N ARG A 392 0.85 -9.75 -10.51
CA ARG A 392 2.17 -9.48 -9.93
C ARG A 392 2.34 -10.34 -8.68
N PHE A 393 3.54 -10.90 -8.52
CA PHE A 393 3.84 -11.73 -7.38
C PHE A 393 4.87 -11.01 -6.52
N ASN A 394 4.49 -10.73 -5.28
CA ASN A 394 5.27 -9.90 -4.37
C ASN A 394 4.93 -10.34 -2.96
N ASN A 395 5.94 -10.33 -2.07
CA ASN A 395 5.76 -10.93 -0.75
C ASN A 395 4.71 -10.20 0.08
N THR A 396 4.50 -8.91 -0.14
CA THR A 396 3.48 -8.21 0.61
C THR A 396 2.50 -7.41 -0.23
N LEU A 397 2.76 -7.20 -1.52
CA LEU A 397 1.85 -6.44 -2.37
C LEU A 397 1.00 -7.38 -3.22
N ARG A 398 -0.28 -7.06 -3.33
CA ARG A 398 -1.18 -7.70 -4.28
C ARG A 398 -1.53 -6.71 -5.37
N GLY A 399 -1.37 -7.11 -6.61
CA GLY A 399 -1.67 -6.21 -7.71
C GLY A 399 -1.46 -6.91 -9.04
N LEU A 400 -1.60 -6.13 -10.10
CA LEU A 400 -1.56 -6.67 -11.45
C LEU A 400 -0.29 -6.22 -12.18
N GLU A 401 0.30 -7.15 -12.93
CA GLU A 401 1.35 -6.83 -13.88
C GLU A 401 0.79 -6.21 -15.14
N SER A 402 -0.34 -6.74 -15.62
CA SER A 402 -0.90 -6.35 -16.90
C SER A 402 -2.40 -6.57 -16.87
N LEU A 403 -3.13 -5.62 -17.44
CA LEU A 403 -4.59 -5.66 -17.46
C LEU A 403 -5.06 -5.06 -18.77
N PRO A 404 -5.05 -5.85 -19.85
CA PRO A 404 -5.46 -5.32 -21.16
C PRO A 404 -6.95 -5.01 -21.12
N VAL A 405 -7.33 -3.78 -21.47
CA VAL A 405 -8.73 -3.40 -21.48
C VAL A 405 -9.05 -2.62 -22.74
N LYS A 406 -10.28 -2.74 -23.17
CA LYS A 406 -10.86 -1.87 -24.19
C LYS A 406 -11.68 -0.79 -23.47
N LEU A 407 -11.31 0.46 -23.67
CA LEU A 407 -12.07 1.58 -23.15
C LEU A 407 -13.01 2.07 -24.25
N THR A 408 -14.32 2.09 -23.96
CA THR A 408 -15.32 2.66 -24.87
C THR A 408 -15.68 4.06 -24.39
N PRO A 409 -15.56 5.08 -25.24
CA PRO A 409 -15.88 6.44 -24.79
C PRO A 409 -17.36 6.60 -24.54
N ALA A 410 -17.67 7.44 -23.54
CA ALA A 410 -19.05 7.82 -23.26
C ALA A 410 -19.55 8.82 -24.31
#